data_5AL0
#
_entry.id   5AL0
#
_cell.length_a   42.814
_cell.length_b   85.569
_cell.length_c   64.122
_cell.angle_alpha   90.00
_cell.angle_beta   90.00
_cell.angle_gamma   90.00
#
_symmetry.space_group_name_H-M   'P 21 21 2'
#
loop_
_entity.id
_entity.type
_entity.pdbx_description
1 polymer TRANSTHYRETIN
2 non-polymer 'SULFATE ION'
3 non-polymer RESVERATROL-3-O-SULFATE
4 non-polymer 'DIMETHYL SULFOXIDE'
5 water water
#
_entity_poly.entity_id   1
_entity_poly.type   'polypeptide(L)'
_entity_poly.pdbx_seq_one_letter_code
;GPTGTGESKCPLMVKVLDAVRGSPAINVAVHVFRKAADDTWEPFASGKTSESGELHGLTTEEEFVEGIYKVEIDTKSYWK
ALGISPFHEHAEVVFTANDSGPRRYTIAALLSPYSYSTTAVVTNPKE
;
_entity_poly.pdbx_strand_id   A,B
#
loop_
_chem_comp.id
_chem_comp.type
_chem_comp.name
_chem_comp.formula
DMS non-polymer 'DIMETHYL SULFOXIDE' 'C2 H6 O S'
R3S non-polymer RESVERATROL-3-O-SULFATE 'C14 H12 O6 S'
SO4 non-polymer 'SULFATE ION' 'O4 S -2'
#
# COMPACT_ATOMS: atom_id res chain seq x y z
N CYS A 10 -10.02 -18.06 -12.20
CA CYS A 10 -9.61 -16.70 -11.85
CA CYS A 10 -9.60 -16.70 -11.86
C CYS A 10 -8.83 -16.70 -10.54
N PRO A 11 -7.49 -16.71 -10.63
CA PRO A 11 -6.67 -16.80 -9.42
C PRO A 11 -6.27 -15.47 -8.77
N LEU A 12 -6.60 -14.35 -9.40
CA LEU A 12 -6.28 -13.03 -8.84
C LEU A 12 -7.48 -12.15 -9.06
N MET A 13 -8.12 -11.71 -7.97
N MET A 13 -8.07 -11.68 -7.97
CA MET A 13 -9.32 -10.85 -8.01
CA MET A 13 -9.25 -10.83 -8.03
C MET A 13 -9.11 -9.66 -7.10
C MET A 13 -8.95 -9.61 -7.19
N VAL A 14 -9.59 -8.50 -7.53
CA VAL A 14 -9.45 -7.27 -6.74
C VAL A 14 -10.84 -6.71 -6.46
N LYS A 15 -11.08 -6.33 -5.20
CA LYS A 15 -12.37 -5.79 -4.75
C LYS A 15 -12.11 -4.47 -4.07
N VAL A 16 -12.83 -3.42 -4.44
CA VAL A 16 -12.60 -2.11 -3.88
C VAL A 16 -13.92 -1.50 -3.43
N LEU A 17 -13.90 -0.96 -2.22
CA LEU A 17 -15.06 -0.33 -1.55
C LEU A 17 -14.74 1.14 -1.25
N ASP A 18 -15.79 1.95 -1.26
CA ASP A 18 -15.70 3.38 -0.95
C ASP A 18 -16.32 3.64 0.41
N ALA A 19 -15.50 4.08 1.35
CA ALA A 19 -15.89 4.27 2.74
C ALA A 19 -16.61 5.60 2.99
N VAL A 20 -16.61 6.50 2.00
CA VAL A 20 -17.33 7.75 2.08
C VAL A 20 -18.80 7.57 1.66
N ARG A 21 -19.02 6.82 0.58
CA ARG A 21 -20.35 6.61 0.00
CA ARG A 21 -20.37 6.65 0.06
C ARG A 21 -21.03 5.35 0.53
N GLY A 22 -20.28 4.44 1.11
CA GLY A 22 -20.86 3.16 1.50
C GLY A 22 -21.30 2.35 0.29
N SER A 23 -20.38 2.15 -0.65
N SER A 23 -20.40 2.23 -0.69
N SER A 23 -20.39 2.21 -0.68
CA SER A 23 -20.69 1.56 -1.94
CA SER A 23 -20.70 1.63 -1.98
CA SER A 23 -20.71 1.59 -1.95
C SER A 23 -19.46 0.88 -2.47
C SER A 23 -19.46 0.96 -2.54
C SER A 23 -19.47 0.97 -2.54
N PRO A 24 -19.64 0.06 -3.51
CA PRO A 24 -18.49 -0.40 -4.28
C PRO A 24 -17.82 0.81 -4.90
N ALA A 25 -16.50 0.73 -5.06
CA ALA A 25 -15.73 1.75 -5.78
C ALA A 25 -15.67 1.30 -7.24
N ILE A 26 -16.39 2.02 -8.09
N ILE A 26 -16.40 2.00 -8.10
CA ILE A 26 -16.58 1.63 -9.49
CA ILE A 26 -16.55 1.60 -9.49
C ILE A 26 -15.57 2.34 -10.39
C ILE A 26 -15.54 2.33 -10.34
N ASN A 27 -15.12 1.62 -11.41
N ASN A 27 -15.11 1.69 -11.43
CA ASN A 27 -14.22 2.17 -12.40
CA ASN A 27 -14.22 2.31 -12.41
C ASN A 27 -12.89 2.63 -11.81
C ASN A 27 -12.86 2.66 -11.82
N VAL A 28 -12.40 1.87 -10.84
CA VAL A 28 -11.06 2.06 -10.28
C VAL A 28 -10.06 1.31 -11.15
N ALA A 29 -9.07 2.03 -11.68
CA ALA A 29 -8.02 1.38 -12.47
C ALA A 29 -7.06 0.63 -11.59
N VAL A 30 -6.64 -0.54 -12.04
CA VAL A 30 -5.72 -1.42 -11.32
C VAL A 30 -4.64 -1.91 -12.30
N HIS A 31 -3.37 -1.77 -11.92
CA HIS A 31 -2.23 -2.25 -12.72
C HIS A 31 -1.45 -3.22 -11.87
N VAL A 32 -1.20 -4.40 -12.43
CA VAL A 32 -0.46 -5.45 -11.74
C VAL A 32 0.89 -5.58 -12.41
N PHE A 33 1.94 -5.66 -11.60
CA PHE A 33 3.31 -5.85 -12.07
C PHE A 33 3.90 -7.07 -11.40
N ARG A 34 4.94 -7.63 -12.01
CA ARG A 34 5.64 -8.81 -11.48
C ARG A 34 7.13 -8.53 -11.54
N LYS A 35 7.85 -8.78 -10.44
CA LYS A 35 9.30 -8.59 -10.44
C LYS A 35 10.02 -9.57 -11.37
N ALA A 36 10.79 -9.01 -12.32
CA ALA A 36 11.51 -9.81 -13.32
C ALA A 36 12.85 -10.25 -12.78
N ALA A 37 13.55 -11.09 -13.55
CA ALA A 37 14.82 -11.66 -13.13
C ALA A 37 15.85 -10.58 -12.81
N ASP A 38 15.76 -9.45 -13.52
CA ASP A 38 16.69 -8.34 -13.33
C ASP A 38 16.18 -7.34 -12.29
N ASP A 39 15.15 -7.74 -11.54
CA ASP A 39 14.64 -6.98 -10.39
C ASP A 39 13.85 -5.69 -10.70
N THR A 40 13.41 -5.50 -11.94
CA THR A 40 12.48 -4.40 -12.25
C THR A 40 11.05 -4.89 -12.23
N TRP A 41 10.11 -3.94 -12.16
CA TRP A 41 8.67 -4.24 -12.18
C TRP A 41 8.12 -4.30 -13.59
N GLU A 42 7.88 -5.51 -14.07
CA GLU A 42 7.37 -5.73 -15.41
C GLU A 42 5.84 -5.67 -15.40
N PRO A 43 5.24 -4.93 -16.34
CA PRO A 43 3.77 -4.95 -16.41
C PRO A 43 3.26 -6.37 -16.62
N PHE A 44 2.23 -6.75 -15.86
CA PHE A 44 1.69 -8.10 -15.89
C PHE A 44 0.22 -8.19 -16.33
N ALA A 45 -0.63 -7.33 -15.79
CA ALA A 45 -2.03 -7.28 -16.20
C ALA A 45 -2.61 -5.98 -15.71
N SER A 46 -3.72 -5.56 -16.30
CA SER A 46 -4.43 -4.39 -15.77
C SER A 46 -5.91 -4.47 -16.09
N GLY A 47 -6.70 -3.67 -15.40
CA GLY A 47 -8.13 -3.65 -15.65
C GLY A 47 -8.77 -2.59 -14.78
N LYS A 48 -10.10 -2.56 -14.72
CA LYS A 48 -10.79 -1.62 -13.87
C LYS A 48 -11.97 -2.29 -13.21
N THR A 49 -12.33 -1.81 -12.02
CA THR A 49 -13.44 -2.40 -11.29
C THR A 49 -14.77 -2.10 -11.97
N SER A 50 -15.64 -3.09 -11.84
CA SER A 50 -16.98 -3.05 -12.38
C SER A 50 -17.93 -2.30 -11.46
N GLU A 51 -19.20 -2.33 -11.81
CA GLU A 51 -20.24 -1.70 -11.01
C GLU A 51 -20.34 -2.31 -9.63
N SER A 52 -19.85 -3.54 -9.46
CA SER A 52 -19.83 -4.20 -8.16
C SER A 52 -18.53 -3.98 -7.37
N GLY A 53 -17.64 -3.14 -7.92
CA GLY A 53 -16.35 -2.88 -7.31
C GLY A 53 -15.36 -4.01 -7.45
N GLU A 54 -15.64 -4.94 -8.36
CA GLU A 54 -14.78 -6.10 -8.54
CA GLU A 54 -14.81 -6.12 -8.55
C GLU A 54 -14.07 -6.08 -9.87
N LEU A 55 -12.89 -6.66 -9.89
CA LEU A 55 -12.12 -6.82 -11.09
C LEU A 55 -11.70 -8.28 -11.19
N HIS A 56 -12.27 -8.92 -12.21
CA HIS A 56 -12.03 -10.33 -12.54
C HIS A 56 -11.29 -10.40 -13.88
N GLY A 57 -10.73 -11.56 -14.18
CA GLY A 57 -10.15 -11.79 -15.50
C GLY A 57 -8.79 -11.19 -15.74
N LEU A 58 -8.08 -10.80 -14.68
CA LEU A 58 -6.76 -10.22 -14.86
C LEU A 58 -5.77 -11.22 -15.47
N THR A 59 -5.80 -12.46 -15.01
CA THR A 59 -4.82 -13.44 -15.47
C THR A 59 -5.41 -14.85 -15.45
N THR A 60 -4.57 -15.83 -15.72
CA THR A 60 -4.97 -17.24 -15.81
C THR A 60 -4.09 -18.02 -14.86
N GLU A 61 -4.51 -19.23 -14.49
CA GLU A 61 -3.68 -20.06 -13.65
CA GLU A 61 -3.70 -20.10 -13.66
C GLU A 61 -2.33 -20.36 -14.30
N GLU A 62 -2.31 -20.58 -15.62
CA GLU A 62 -1.05 -20.85 -16.32
C GLU A 62 -0.08 -19.68 -16.26
N GLU A 63 -0.59 -18.47 -16.47
CA GLU A 63 0.30 -17.32 -16.56
CA GLU A 63 0.22 -17.26 -16.57
C GLU A 63 0.69 -16.76 -15.20
N PHE A 64 -0.13 -17.04 -14.17
CA PHE A 64 0.12 -16.53 -12.81
C PHE A 64 1.06 -17.46 -12.06
N VAL A 65 2.31 -17.42 -12.47
CA VAL A 65 3.33 -18.28 -11.92
C VAL A 65 3.86 -17.69 -10.60
N GLU A 66 4.74 -18.43 -9.93
CA GLU A 66 5.38 -17.91 -8.73
CA GLU A 66 5.41 -17.91 -8.75
C GLU A 66 6.07 -16.59 -9.04
N GLY A 67 6.05 -15.68 -8.07
CA GLY A 67 6.78 -14.46 -8.21
C GLY A 67 6.39 -13.45 -7.16
N ILE A 68 7.00 -12.28 -7.21
CA ILE A 68 6.60 -11.16 -6.36
C ILE A 68 5.78 -10.24 -7.25
N TYR A 69 4.55 -9.99 -6.81
CA TYR A 69 3.60 -9.18 -7.55
C TYR A 69 3.28 -7.89 -6.82
N LYS A 70 3.03 -6.85 -7.60
CA LYS A 70 2.57 -5.57 -7.08
CA LYS A 70 2.57 -5.56 -7.09
C LYS A 70 1.25 -5.23 -7.74
N VAL A 71 0.22 -5.07 -6.92
CA VAL A 71 -1.10 -4.64 -7.37
C VAL A 71 -1.21 -3.17 -7.00
N GLU A 72 -1.22 -2.32 -8.03
N GLU A 72 -1.20 -2.30 -8.01
N GLU A 72 -1.25 -2.31 -8.02
CA GLU A 72 -1.35 -0.89 -7.86
CA GLU A 72 -1.33 -0.85 -7.81
CA GLU A 72 -1.34 -0.87 -7.83
C GLU A 72 -2.83 -0.58 -8.07
C GLU A 72 -2.77 -0.43 -8.12
C GLU A 72 -2.76 -0.39 -8.13
N ILE A 73 -3.44 0.09 -7.10
CA ILE A 73 -4.84 0.50 -7.21
C ILE A 73 -4.82 2.01 -7.32
N ASP A 74 -5.34 2.54 -8.42
CA ASP A 74 -5.14 3.95 -8.74
C ASP A 74 -6.18 4.83 -8.06
N THR A 75 -5.96 4.99 -6.75
CA THR A 75 -6.90 5.68 -5.89
C THR A 75 -6.97 7.17 -6.22
N LYS A 76 -5.83 7.79 -6.55
CA LYS A 76 -5.86 9.22 -6.85
C LYS A 76 -6.72 9.46 -8.10
N SER A 77 -6.48 8.67 -9.15
CA SER A 77 -7.29 8.74 -10.38
C SER A 77 -8.77 8.47 -10.11
N TYR A 78 -9.09 7.63 -9.13
CA TYR A 78 -10.49 7.43 -8.71
C TYR A 78 -11.12 8.64 -8.05
N TRP A 79 -10.45 9.18 -7.01
CA TRP A 79 -10.97 10.32 -6.27
C TRP A 79 -11.04 11.58 -7.18
N LYS A 80 -10.03 11.80 -8.01
CA LYS A 80 -10.02 13.00 -8.89
C LYS A 80 -11.16 12.97 -9.94
N ALA A 81 -11.50 11.77 -10.43
CA ALA A 81 -12.59 11.62 -11.40
C ALA A 81 -13.92 11.92 -10.72
N LEU A 82 -13.92 11.90 -9.39
CA LEU A 82 -15.08 12.27 -8.60
C LEU A 82 -14.98 13.71 -8.12
N GLY A 83 -13.91 14.39 -8.54
CA GLY A 83 -13.76 15.80 -8.23
C GLY A 83 -13.26 16.08 -6.83
N ILE A 84 -12.56 15.12 -6.23
CA ILE A 84 -12.02 15.29 -4.87
C ILE A 84 -10.49 15.12 -4.92
N SER A 85 -9.79 15.89 -4.09
CA SER A 85 -8.33 15.89 -4.03
C SER A 85 -7.84 15.01 -2.90
N PRO A 86 -7.35 13.80 -3.21
CA PRO A 86 -6.98 12.88 -2.12
C PRO A 86 -5.50 12.96 -1.71
N PHE A 87 -5.11 12.19 -0.70
CA PHE A 87 -3.74 12.23 -0.23
CA PHE A 87 -3.73 12.20 -0.19
C PHE A 87 -2.78 11.30 -0.96
N HIS A 88 -3.17 10.04 -1.15
CA HIS A 88 -2.24 9.08 -1.74
C HIS A 88 -2.24 9.16 -3.25
N GLU A 89 -1.12 8.78 -3.85
CA GLU A 89 -1.06 8.59 -5.29
C GLU A 89 -1.80 7.31 -5.71
N HIS A 90 -1.56 6.24 -4.98
CA HIS A 90 -2.17 4.97 -5.25
CA HIS A 90 -2.21 4.98 -5.23
C HIS A 90 -2.00 4.10 -4.01
N ALA A 91 -2.68 2.96 -3.97
CA ALA A 91 -2.48 1.99 -2.93
C ALA A 91 -1.72 0.87 -3.60
N GLU A 92 -0.64 0.43 -2.98
CA GLU A 92 0.22 -0.61 -3.52
C GLU A 92 0.14 -1.82 -2.62
N VAL A 93 -0.05 -2.98 -3.23
CA VAL A 93 -0.10 -4.22 -2.48
C VAL A 93 0.94 -5.14 -3.07
N VAL A 94 1.99 -5.44 -2.31
CA VAL A 94 3.13 -6.21 -2.81
C VAL A 94 3.26 -7.50 -2.04
N PHE A 95 3.32 -8.62 -2.74
CA PHE A 95 3.31 -9.93 -2.12
C PHE A 95 3.94 -11.00 -3.01
N THR A 96 4.52 -12.00 -2.36
CA THR A 96 4.89 -13.22 -3.05
C THR A 96 3.69 -14.11 -3.24
N ALA A 97 3.52 -14.62 -4.46
CA ALA A 97 2.40 -15.48 -4.80
C ALA A 97 2.86 -16.85 -5.26
N ASN A 98 2.06 -17.87 -4.94
CA ASN A 98 2.19 -19.23 -5.47
C ASN A 98 3.47 -19.95 -5.10
N ASP A 99 4.10 -19.54 -4.01
N ASP A 99 4.10 -19.56 -4.00
CA ASP A 99 5.37 -20.14 -3.60
CA ASP A 99 5.39 -20.14 -3.66
C ASP A 99 5.17 -21.56 -3.09
C ASP A 99 5.22 -21.46 -2.88
N SER A 100 3.97 -21.82 -2.57
CA SER A 100 3.64 -23.16 -2.03
C SER A 100 2.64 -23.85 -2.93
N GLY A 101 2.70 -23.55 -4.23
CA GLY A 101 1.76 -24.05 -5.18
C GLY A 101 0.69 -23.02 -5.46
N PRO A 102 -0.13 -23.28 -6.47
CA PRO A 102 -1.17 -22.34 -6.88
C PRO A 102 -2.16 -22.05 -5.78
N ARG A 103 -2.45 -20.75 -5.61
CA ARG A 103 -3.51 -20.30 -4.74
C ARG A 103 -4.36 -19.29 -5.46
N ARG A 104 -5.53 -19.01 -4.90
CA ARG A 104 -6.40 -17.94 -5.37
C ARG A 104 -6.34 -16.79 -4.39
N TYR A 105 -6.14 -15.60 -4.93
CA TYR A 105 -5.92 -14.39 -4.14
C TYR A 105 -7.00 -13.38 -4.42
N THR A 106 -7.66 -12.89 -3.37
CA THR A 106 -8.50 -11.72 -3.48
C THR A 106 -7.84 -10.60 -2.69
N ILE A 107 -7.54 -9.50 -3.39
CA ILE A 107 -7.00 -8.29 -2.76
C ILE A 107 -8.16 -7.33 -2.60
N ALA A 108 -8.48 -6.99 -1.35
CA ALA A 108 -9.59 -6.09 -1.08
C ALA A 108 -9.03 -4.80 -0.56
N ALA A 109 -9.67 -3.68 -0.90
CA ALA A 109 -9.24 -2.37 -0.44
C ALA A 109 -10.45 -1.52 -0.12
N LEU A 110 -10.38 -0.82 1.01
CA LEU A 110 -11.41 0.10 1.46
C LEU A 110 -10.85 1.51 1.44
N LEU A 111 -11.43 2.39 0.66
CA LEU A 111 -10.85 3.70 0.37
C LEU A 111 -11.54 4.87 1.06
N SER A 112 -10.74 5.76 1.61
CA SER A 112 -11.15 7.09 2.02
C SER A 112 -10.17 8.11 1.44
N PRO A 113 -10.52 9.40 1.43
CA PRO A 113 -9.60 10.33 0.78
C PRO A 113 -8.19 10.41 1.38
N TYR A 114 -8.04 10.21 2.69
N TYR A 114 -8.04 10.21 2.67
CA TYR A 114 -6.72 10.30 3.33
CA TYR A 114 -6.73 10.30 3.32
C TYR A 114 -6.33 8.99 4.03
C TYR A 114 -6.29 9.00 3.97
N SER A 115 -6.96 7.89 3.63
CA SER A 115 -6.69 6.61 4.25
C SER A 115 -7.16 5.46 3.38
N TYR A 116 -6.49 4.32 3.53
CA TYR A 116 -7.06 3.10 2.96
CA TYR A 116 -7.05 3.09 2.95
C TYR A 116 -6.64 1.89 3.79
N SER A 117 -7.40 0.82 3.68
N SER A 117 -7.46 0.86 3.70
CA SER A 117 -7.11 -0.42 4.37
CA SER A 117 -7.23 -0.43 4.33
C SER A 117 -7.28 -1.58 3.42
C SER A 117 -7.12 -1.43 3.18
N THR A 118 -6.23 -2.40 3.35
CA THR A 118 -6.20 -3.50 2.40
CA THR A 118 -6.12 -3.49 2.39
C THR A 118 -5.97 -4.81 3.12
N THR A 119 -6.59 -5.87 2.62
N THR A 119 -6.63 -5.84 2.60
CA THR A 119 -6.34 -7.18 3.18
CA THR A 119 -6.53 -7.18 3.15
C THR A 119 -6.23 -8.13 1.99
C THR A 119 -6.49 -8.20 2.02
N ALA A 120 -5.92 -9.36 2.31
CA ALA A 120 -5.85 -10.44 1.33
C ALA A 120 -6.62 -11.63 1.86
N VAL A 121 -7.37 -12.27 0.98
CA VAL A 121 -8.01 -13.53 1.26
C VAL A 121 -7.39 -14.53 0.30
N VAL A 122 -6.76 -15.54 0.86
CA VAL A 122 -5.98 -16.51 0.09
C VAL A 122 -6.61 -17.87 0.34
N THR A 123 -7.00 -18.54 -0.75
CA THR A 123 -7.65 -19.84 -0.68
C THR A 123 -6.90 -20.85 -1.53
N ASN A 124 -7.09 -22.13 -1.20
CA ASN A 124 -6.40 -23.23 -1.88
C ASN A 124 -7.39 -24.07 -2.68
N PRO A 125 -7.30 -24.03 -4.02
CA PRO A 125 -8.20 -24.85 -4.86
C PRO A 125 -8.10 -26.34 -4.55
N CYS B 10 10.05 19.09 12.40
CA CYS B 10 9.86 17.69 12.00
C CYS B 10 8.65 17.59 11.07
N PRO B 11 8.88 17.66 9.76
CA PRO B 11 7.74 17.72 8.83
C PRO B 11 7.17 16.36 8.47
N LEU B 12 7.87 15.29 8.81
CA LEU B 12 7.46 13.94 8.47
C LEU B 12 7.73 12.97 9.62
N MET B 13 6.68 12.34 10.13
N MET B 13 6.67 12.31 10.08
CA MET B 13 6.79 11.33 11.19
CA MET B 13 6.75 11.35 11.18
C MET B 13 6.05 10.07 10.73
C MET B 13 6.00 10.08 10.78
N VAL B 14 6.51 8.93 11.21
CA VAL B 14 5.89 7.64 10.89
C VAL B 14 5.55 6.93 12.20
N LYS B 15 4.32 6.44 12.29
CA LYS B 15 3.82 5.74 13.47
C LYS B 15 3.30 4.39 13.05
N VAL B 16 3.73 3.33 13.72
CA VAL B 16 3.37 1.96 13.32
C VAL B 16 2.85 1.22 14.53
N LEU B 17 1.68 0.61 14.36
CA LEU B 17 0.99 -0.14 15.40
C LEU B 17 0.79 -1.58 14.99
N ASP B 18 0.70 -2.46 15.98
CA ASP B 18 0.55 -3.90 15.80
C ASP B 18 -0.83 -4.32 16.30
N ALA B 19 -1.69 -4.77 15.38
CA ALA B 19 -3.08 -5.10 15.64
C ALA B 19 -3.26 -6.50 16.22
N VAL B 20 -2.21 -7.30 16.25
CA VAL B 20 -2.24 -8.63 16.84
C VAL B 20 -1.93 -8.57 18.33
N ARG B 21 -0.90 -7.80 18.68
CA ARG B 21 -0.45 -7.68 20.07
C ARG B 21 -1.03 -6.47 20.77
N GLY B 22 -1.58 -5.54 20.02
CA GLY B 22 -2.16 -4.36 20.63
C GLY B 22 -1.09 -3.48 21.23
N SER B 23 -0.08 -3.18 20.43
CA SER B 23 1.10 -2.48 20.91
C SER B 23 1.69 -1.66 19.79
N PRO B 24 2.59 -0.74 20.12
CA PRO B 24 3.41 -0.16 19.05
C PRO B 24 4.20 -1.28 18.38
N ALA B 25 4.52 -1.06 17.10
CA ALA B 25 5.40 -1.95 16.36
C ALA B 25 6.81 -1.39 16.44
N ILE B 26 7.64 -2.11 17.20
CA ILE B 26 8.94 -1.64 17.59
C ILE B 26 10.02 -2.23 16.69
N ASN B 27 11.03 -1.41 16.37
N ASN B 27 11.06 -1.44 16.39
CA ASN B 27 12.16 -1.82 15.58
CA ASN B 27 12.17 -1.88 15.55
C ASN B 27 11.80 -2.21 14.15
C ASN B 27 11.74 -2.30 14.16
N VAL B 28 10.78 -1.58 13.60
CA VAL B 28 10.39 -1.77 12.22
C VAL B 28 11.23 -0.85 11.35
N ALA B 29 11.87 -1.40 10.32
CA ALA B 29 12.63 -0.56 9.39
C ALA B 29 11.70 0.20 8.47
N VAL B 30 12.02 1.46 8.24
CA VAL B 30 11.24 2.32 7.37
C VAL B 30 12.20 3.03 6.43
N HIS B 31 11.90 3.00 5.12
CA HIS B 31 12.70 3.70 4.14
C HIS B 31 11.83 4.66 3.37
N VAL B 32 12.30 5.89 3.26
CA VAL B 32 11.61 6.94 2.52
C VAL B 32 12.42 7.28 1.29
N PHE B 33 11.72 7.39 0.16
CA PHE B 33 12.29 7.71 -1.13
C PHE B 33 11.59 8.92 -1.71
N ARG B 34 12.29 9.64 -2.59
CA ARG B 34 11.69 10.74 -3.33
CA ARG B 34 11.74 10.77 -3.34
C ARG B 34 11.76 10.42 -4.81
N LYS B 35 10.68 10.73 -5.52
CA LYS B 35 10.64 10.43 -6.95
C LYS B 35 11.50 11.44 -7.70
N ALA B 36 12.46 10.94 -8.45
CA ALA B 36 13.37 11.78 -9.22
C ALA B 36 12.76 12.11 -10.57
N ALA B 37 13.43 13.01 -11.31
CA ALA B 37 12.94 13.47 -12.60
C ALA B 37 12.75 12.33 -13.61
N ASP B 38 13.60 11.31 -13.53
CA ASP B 38 13.50 10.15 -14.42
C ASP B 38 12.56 9.06 -13.89
N ASP B 39 11.70 9.44 -12.95
CA ASP B 39 10.70 8.53 -12.35
C ASP B 39 11.29 7.36 -11.56
N THR B 40 12.58 7.41 -11.22
CA THR B 40 13.14 6.43 -10.31
C THR B 40 12.95 6.91 -8.87
N TRP B 41 13.09 5.98 -7.94
CA TRP B 41 12.95 6.26 -6.52
C TRP B 41 14.31 6.43 -5.89
N GLU B 42 14.62 7.66 -5.47
CA GLU B 42 15.90 8.00 -4.86
C GLU B 42 15.82 7.90 -3.35
N PRO B 43 16.76 7.18 -2.71
CA PRO B 43 16.75 7.17 -1.25
C PRO B 43 16.76 8.58 -0.64
N PHE B 44 15.95 8.77 0.41
CA PHE B 44 15.77 10.09 1.01
C PHE B 44 16.06 10.09 2.52
N ALA B 45 15.55 9.10 3.25
CA ALA B 45 15.73 9.02 4.67
C ALA B 45 15.31 7.62 5.11
N SER B 46 15.82 7.17 6.24
CA SER B 46 15.38 5.88 6.78
C SER B 46 15.67 5.80 8.27
N GLY B 47 15.07 4.81 8.93
CA GLY B 47 15.29 4.61 10.35
C GLY B 47 14.53 3.39 10.81
N LYS B 48 14.52 3.16 12.11
CA LYS B 48 13.76 2.08 12.71
C LYS B 48 12.84 2.64 13.78
N THR B 49 11.61 2.14 13.86
CA THR B 49 10.70 2.68 14.85
C THR B 49 11.21 2.42 16.27
N SER B 50 10.88 3.35 17.14
CA SER B 50 11.29 3.33 18.52
C SER B 50 10.38 2.45 19.36
N GLU B 51 10.59 2.46 20.67
N GLU B 51 10.58 2.47 20.67
CA GLU B 51 9.78 1.66 21.57
CA GLU B 51 9.78 1.68 21.57
C GLU B 51 8.31 2.11 21.59
C GLU B 51 8.32 2.10 21.57
N SER B 52 8.04 3.32 21.11
CA SER B 52 6.68 3.84 21.02
C SER B 52 6.11 3.66 19.61
N GLY B 53 6.85 2.95 18.75
CA GLY B 53 6.39 2.69 17.40
C GLY B 53 6.52 3.88 16.47
N GLU B 54 7.32 4.86 16.88
CA GLU B 54 7.47 6.09 16.14
C GLU B 54 8.87 6.27 15.57
N LEU B 55 8.92 7.00 14.49
CA LEU B 55 10.17 7.34 13.85
C LEU B 55 10.14 8.82 13.53
N HIS B 56 10.95 9.56 14.27
CA HIS B 56 11.07 11.01 14.18
C HIS B 56 12.41 11.33 13.55
N GLY B 57 12.58 12.58 13.14
CA GLY B 57 13.89 13.05 12.74
C GLY B 57 14.33 12.60 11.36
N LEU B 58 13.39 12.13 10.55
CA LEU B 58 13.71 11.66 9.21
C LEU B 58 14.26 12.76 8.31
N THR B 59 13.68 13.96 8.39
CA THR B 59 14.08 15.04 7.48
C THR B 59 13.89 16.38 8.15
N THR B 60 14.17 17.43 7.38
CA THR B 60 14.05 18.80 7.87
C THR B 60 13.12 19.54 6.93
N GLU B 61 12.59 20.66 7.39
CA GLU B 61 11.72 21.46 6.53
C GLU B 61 12.49 21.91 5.28
N GLU B 62 13.78 22.20 5.44
CA GLU B 62 14.56 22.66 4.29
CA GLU B 62 14.61 22.63 4.31
C GLU B 62 14.69 21.57 3.22
N GLU B 63 14.86 20.31 3.62
CA GLU B 63 15.05 19.24 2.64
C GLU B 63 13.74 18.68 2.07
N PHE B 64 12.66 18.78 2.83
CA PHE B 64 11.39 18.14 2.48
C PHE B 64 10.57 19.02 1.56
N VAL B 65 11.05 19.17 0.34
CA VAL B 65 10.40 20.01 -0.66
C VAL B 65 9.20 19.30 -1.31
N GLU B 66 8.37 20.05 -2.02
CA GLU B 66 7.25 19.46 -2.72
C GLU B 66 7.73 18.37 -3.66
N GLY B 67 6.94 17.32 -3.76
CA GLY B 67 7.25 16.23 -4.66
C GLY B 67 6.50 14.99 -4.23
N ILE B 68 6.75 13.90 -4.94
CA ILE B 68 6.18 12.61 -4.60
C ILE B 68 7.17 11.80 -3.77
N TYR B 69 6.68 11.24 -2.66
CA TYR B 69 7.49 10.46 -1.76
C TYR B 69 6.88 9.09 -1.57
N LYS B 70 7.73 8.12 -1.26
CA LYS B 70 7.30 6.76 -0.95
C LYS B 70 7.87 6.39 0.40
N VAL B 71 7.00 5.99 1.32
CA VAL B 71 7.42 5.45 2.59
C VAL B 71 7.19 3.94 2.56
N GLU B 72 8.28 3.18 2.64
CA GLU B 72 8.22 1.73 2.65
CA GLU B 72 8.24 1.72 2.65
C GLU B 72 8.45 1.24 4.07
N ILE B 73 7.52 0.46 4.59
CA ILE B 73 7.58 -0.08 5.95
C ILE B 73 7.86 -1.57 5.82
N ASP B 74 8.97 -2.03 6.44
N ASP B 74 8.95 -2.05 6.43
CA ASP B 74 9.42 -3.41 6.32
CA ASP B 74 9.38 -3.43 6.19
C ASP B 74 8.60 -4.30 7.25
C ASP B 74 8.65 -4.38 7.14
N THR B 75 7.38 -4.59 6.81
CA THR B 75 6.45 -5.40 7.60
C THR B 75 6.83 -6.87 7.60
N LYS B 76 7.34 -7.40 6.50
CA LYS B 76 7.67 -8.83 6.43
C LYS B 76 8.69 -9.21 7.50
N SER B 77 9.75 -8.43 7.64
CA SER B 77 10.78 -8.71 8.64
C SER B 77 10.22 -8.60 10.06
N TYR B 78 9.33 -7.64 10.27
CA TYR B 78 8.70 -7.46 11.56
C TYR B 78 7.95 -8.72 11.98
N TRP B 79 7.06 -9.22 11.11
CA TRP B 79 6.29 -10.40 11.44
C TRP B 79 7.17 -11.61 11.61
N LYS B 80 8.16 -11.78 10.74
CA LYS B 80 9.03 -12.95 10.88
C LYS B 80 9.81 -12.94 12.20
N ALA B 81 10.21 -11.75 12.66
CA ALA B 81 10.93 -11.65 13.92
C ALA B 81 10.05 -12.08 15.08
N LEU B 82 8.73 -12.01 14.90
CA LEU B 82 7.79 -12.41 15.92
C LEU B 82 7.33 -13.86 15.72
N GLY B 83 7.93 -14.54 14.75
CA GLY B 83 7.58 -15.92 14.47
C GLY B 83 6.26 -16.11 13.73
N ILE B 84 5.80 -15.06 13.02
CA ILE B 84 4.52 -15.08 12.35
C ILE B 84 4.72 -14.99 10.83
N SER B 85 3.95 -15.74 10.08
CA SER B 85 4.04 -15.76 8.62
C SER B 85 3.15 -14.69 8.00
N PRO B 86 3.74 -13.71 7.31
CA PRO B 86 2.89 -12.63 6.80
C PRO B 86 2.64 -12.69 5.31
N PHE B 87 1.72 -11.88 4.82
CA PHE B 87 1.34 -11.86 3.41
C PHE B 87 2.20 -10.90 2.57
N HIS B 88 2.36 -9.66 3.04
N HIS B 88 2.37 -9.68 3.05
CA HIS B 88 2.95 -8.61 2.23
CA HIS B 88 3.01 -8.64 2.26
C HIS B 88 4.47 -8.57 2.33
C HIS B 88 4.51 -8.72 2.29
N GLU B 89 5.14 -8.20 1.25
CA GLU B 89 6.59 -7.98 1.30
C GLU B 89 6.90 -6.77 2.17
N HIS B 90 6.06 -5.76 2.04
CA HIS B 90 6.22 -4.52 2.79
CA HIS B 90 6.21 -4.51 2.79
C HIS B 90 4.94 -3.72 2.62
N ALA B 91 4.78 -2.67 3.40
CA ALA B 91 3.68 -1.74 3.22
C ALA B 91 4.26 -0.52 2.56
N GLU B 92 3.52 0.06 1.62
CA GLU B 92 3.99 1.21 0.86
CA GLU B 92 3.98 1.18 0.82
C GLU B 92 2.98 2.31 0.96
N VAL B 93 3.48 3.52 1.19
CA VAL B 93 2.63 4.68 1.26
C VAL B 93 3.22 5.71 0.32
N VAL B 94 2.50 6.07 -0.73
CA VAL B 94 3.00 6.95 -1.79
C VAL B 94 2.11 8.17 -1.85
N PHE B 95 2.69 9.38 -1.76
CA PHE B 95 1.88 10.59 -1.64
C PHE B 95 2.65 11.80 -2.14
N THR B 96 1.93 12.87 -2.48
CA THR B 96 2.57 14.15 -2.83
C THR B 96 2.64 15.06 -1.61
N ALA B 97 3.82 15.60 -1.31
CA ALA B 97 3.96 16.68 -0.34
C ALA B 97 3.58 17.99 -1.01
N ASN B 98 2.70 18.75 -0.35
CA ASN B 98 2.17 20.01 -0.88
CA ASN B 98 2.18 20.02 -0.88
C ASN B 98 2.34 21.12 0.14
N ASP B 99 2.90 22.24 -0.29
CA ASP B 99 3.15 23.35 0.60
C ASP B 99 1.87 24.10 0.93
N SER B 100 0.85 23.96 0.09
CA SER B 100 -0.43 24.61 0.30
C SER B 100 -1.07 24.16 1.61
N GLY B 101 -1.15 22.86 1.81
CA GLY B 101 -1.78 22.31 3.00
C GLY B 101 -0.95 22.52 4.26
N PRO B 102 -1.38 21.90 5.37
CA PRO B 102 -0.67 22.03 6.65
C PRO B 102 0.76 21.48 6.57
N ARG B 103 1.56 21.78 7.60
CA ARG B 103 3.00 21.65 7.51
C ARG B 103 3.53 20.29 7.91
N ARG B 104 2.85 19.60 8.82
CA ARG B 104 3.38 18.38 9.39
C ARG B 104 2.60 17.15 8.93
N TYR B 105 3.31 16.18 8.38
CA TYR B 105 2.72 14.91 7.91
C TYR B 105 3.05 13.78 8.88
N THR B 106 2.01 13.12 9.41
CA THR B 106 2.18 11.88 10.14
C THR B 106 1.57 10.79 9.30
N ILE B 107 2.40 9.80 8.94
CA ILE B 107 1.94 8.61 8.23
C ILE B 107 1.81 7.52 9.29
N ALA B 108 0.57 7.06 9.52
CA ALA B 108 0.33 6.00 10.48
C ALA B 108 -0.05 4.72 9.78
N ALA B 109 0.42 3.61 10.32
CA ALA B 109 0.09 2.29 9.77
C ALA B 109 -0.24 1.33 10.88
N LEU B 110 -1.34 0.59 10.68
CA LEU B 110 -1.80 -0.42 11.62
C LEU B 110 -1.66 -1.78 10.95
N LEU B 111 -0.85 -2.65 11.53
CA LEU B 111 -0.40 -3.86 10.85
C LEU B 111 -1.05 -5.13 11.38
N SER B 112 -1.51 -5.98 10.46
CA SER B 112 -1.89 -7.36 10.73
C SER B 112 -1.14 -8.27 9.74
N PRO B 113 -1.08 -9.57 10.03
CA PRO B 113 -0.31 -10.42 9.12
C PRO B 113 -0.79 -10.41 7.66
N TYR B 114 -2.09 -10.34 7.40
CA TYR B 114 -2.64 -10.34 6.05
C TYR B 114 -3.35 -9.06 5.67
N SER B 115 -3.11 -7.97 6.39
N SER B 115 -3.12 -7.98 6.43
CA SER B 115 -3.82 -6.74 6.15
CA SER B 115 -4.12 -6.55 7.25
CA SER B 115 -3.79 -6.70 6.20
C SER B 115 -3.08 -5.60 6.81
C SER B 115 -2.92 -5.50 6.58
N TYR B 116 -3.24 -4.42 6.26
N TYR B 116 -3.06 -4.24 5.89
CA TYR B 116 -2.75 -3.24 6.93
CA TYR B 116 -2.79 -3.12 6.79
C TYR B 116 -3.56 -2.05 6.49
C TYR B 116 -3.75 -1.96 6.52
N SER B 117 -3.71 -1.12 7.40
N SER B 117 -3.77 -0.99 7.44
N SER B 117 -3.83 -1.07 7.45
CA SER B 117 -4.39 0.11 7.08
CA SER B 117 -4.61 0.20 7.34
CA SER B 117 -4.57 0.17 7.28
C SER B 117 -3.39 1.23 7.25
C SER B 117 -3.72 1.42 7.56
C SER B 117 -3.63 1.35 7.49
N THR B 118 -3.68 2.33 6.58
CA THR B 118 -2.82 3.50 6.69
C THR B 118 -3.61 4.76 6.53
N THR B 119 -3.24 5.80 7.29
N THR B 119 -3.12 5.78 7.20
CA THR B 119 -3.88 7.10 7.15
CA THR B 119 -3.80 7.05 7.28
C THR B 119 -2.82 8.17 7.27
C THR B 119 -2.75 8.16 7.25
N ALA B 120 -3.18 9.36 6.86
CA ALA B 120 -2.33 10.54 6.95
C ALA B 120 -3.00 11.51 7.88
N VAL B 121 -2.21 12.07 8.79
CA VAL B 121 -2.68 13.09 9.72
C VAL B 121 -1.81 14.29 9.41
N VAL B 122 -2.41 15.30 8.82
CA VAL B 122 -1.68 16.43 8.28
C VAL B 122 -2.11 17.66 9.03
N THR B 123 -1.18 18.25 9.79
CA THR B 123 -1.51 19.33 10.72
C THR B 123 -0.54 20.49 10.69
N ASN B 124 -0.93 21.57 11.37
CA ASN B 124 -0.07 22.72 11.61
C ASN B 124 0.21 22.85 13.11
S SO4 C . 5.21 3.98 -9.34
O1 SO4 C . 4.43 3.04 -10.13
O2 SO4 C . 6.64 3.77 -9.58
O3 SO4 C . 4.84 5.35 -9.70
O4 SO4 C . 4.92 3.78 -7.92
C01 R3S D . -12.87 -3.61 5.97
C02 R3S D . -13.68 -4.35 5.11
C03 R3S D . -13.17 -4.91 3.95
C04 R3S D . -11.82 -4.70 3.63
C05 R3S D . -11.01 -3.95 4.49
C06 R3S D . -11.54 -3.39 5.66
C07 R3S D . -14.13 -5.69 3.12
C08 R3S D . -13.75 -6.58 2.20
C09 R3S D . -14.70 -7.44 1.43
C10 R3S D . -16.07 -7.20 1.52
C11 R3S D . -16.98 -7.99 0.81
C12 R3S D . -16.52 -9.03 0.00
C13 R3S D . -15.15 -9.27 -0.10
C14 R3S D . -14.25 -8.48 0.62
O15 R3S D . -14.69 -10.29 -0.88
O16 R3S D . -18.32 -7.74 0.90
O17 R3S D . -10.76 -2.66 6.49
S18 R3S D . -13.72 -11.36 -0.34
O19 R3S D . -14.12 -11.77 1.01
O20 R3S D . -12.35 -10.82 -0.31
O21 R3S D . -13.78 -12.54 -1.23
H10 R3S D . -16.44 -6.40 2.14
H01 R3S D . -13.30 -3.18 6.88
H02 R3S D . -14.72 -4.50 5.37
H12 R3S D . -17.22 -9.64 -0.55
H04 R3S D . -11.38 -5.11 2.73
H14 R3S D . -13.19 -8.70 0.52
H05 R3S D . -9.97 -3.78 4.25
H07 R3S D . -15.17 -5.42 3.21
H08 R3S D . -12.71 -6.70 1.99
H161 R3S D . -18.70 -8.27 1.63
H171 R3S D . -9.86 -3.02 6.49
S DMS E . -1.88 -20.55 2.81
O DMS E . -0.56 -20.63 2.14
C1 DMS E . -2.37 -18.80 2.97
C2 DMS E . -1.72 -20.92 4.59
H11 DMS E . -3.26 -18.74 3.53
H12 DMS E . -1.60 -18.27 3.46
H13 DMS E . -2.51 -18.39 2.01
H21 DMS E . -1.00 -20.29 5.02
H22 DMS E . -2.66 -20.78 5.07
H23 DMS E . -1.43 -21.93 4.71
S SO4 F . 10.28 -2.09 -4.51
O1 SO4 F . 11.05 -3.20 -5.07
O2 SO4 F . 10.91 -1.62 -3.30
O3 SO4 F . 10.22 -1.01 -5.50
O4 SO4 F . 8.92 -2.53 -4.19
C01 R3S G . -5.15 3.10 11.58
C02 R3S G . -4.42 3.87 12.47
C03 R3S G . -4.84 4.02 13.80
C04 R3S G . -6.00 3.36 14.21
C05 R3S G . -6.73 2.59 13.32
C06 R3S G . -6.30 2.46 12.00
C07 R3S G . -4.02 4.85 14.72
C08 R3S G . -3.31 5.91 14.34
C09 R3S G . -2.47 6.75 15.24
C10 R3S G . -2.31 6.39 16.59
C11 R3S G . -1.51 7.17 17.43
C12 R3S G . -0.89 8.31 16.94
C13 R3S G . -1.05 8.65 15.60
C14 R3S G . -1.84 7.88 14.77
O15 R3S G . -0.44 9.77 15.09
O16 R3S G . -1.36 6.82 18.74
O17 R3S G . -7.02 1.70 11.13
S18 R3S G . -0.97 11.19 15.35
O19 R3S G . -2.38 11.30 14.92
O20 R3S G . -0.15 12.17 14.61
O21 R3S G . -0.86 11.47 16.80
H10 R3S G . -2.80 5.50 16.98
H01 R3S G . -4.82 3.00 10.55
H02 R3S G . -3.52 4.37 12.14
H12 R3S G . -0.28 8.92 17.59
H04 R3S G . -6.35 3.45 15.23
H14 R3S G . -1.94 8.18 13.73
H05 R3S G . -7.64 2.09 13.64
H07 R3S G . -4.02 4.56 15.76
H08 R3S G . -3.33 6.21 13.31
H161 R3S G . -2.06 7.23 19.27
H171 R3S G . -7.06 2.14 10.27
#